data_2UV3
#
_entry.id   2UV3
#
_cell.length_a   76.831
_cell.length_b   56.266
_cell.length_c   82.245
_cell.angle_alpha   90.00
_cell.angle_beta   114.90
_cell.angle_gamma   90.00
#
_symmetry.space_group_name_H-M   'C 1 2 1'
#
loop_
_entity.id
_entity.type
_entity.pdbx_description
1 polymer 'TYROSINE-PROTEIN PHOSPHATASE NON-RECEPTOR TYPE SUBSTRATE 1'
2 non-polymer '2-(N-MORPHOLINO)-ETHANESULFONIC ACID'
3 non-polymer 'SULFATE ION'
4 water water
#
_entity_poly.entity_id   1
_entity_poly.type   'polypeptide(L)'
_entity_poly.pdbx_seq_one_letter_code
;EEELQVIQPDKSVSVAAGESAILHCTVTSLIPVGPIQWFRGAGPARELIYNQKEGHFPRVTTVSESTKRENMDFSISISN
ITPADAGTYYCVKFRKGSPDTEFKSGAGTELSVRAKPSTRHHHHHH
;
_entity_poly.pdbx_strand_id   A,B
#
loop_
_chem_comp.id
_chem_comp.type
_chem_comp.name
_chem_comp.formula
MES non-polymer '2-(N-MORPHOLINO)-ETHANESULFONIC ACID' 'C6 H13 N O4 S'
SO4 non-polymer 'SULFATE ION' 'O4 S -2'
#
# COMPACT_ATOMS: atom_id res chain seq x y z
N GLU A 2 -2.67 14.19 10.50
CA GLU A 2 -2.68 12.75 10.05
C GLU A 2 -3.81 12.50 9.06
N GLU A 3 -4.45 13.58 8.60
CA GLU A 3 -5.59 13.44 7.69
C GLU A 3 -5.20 12.60 6.47
N LEU A 4 -6.11 11.73 6.05
CA LEU A 4 -5.93 10.93 4.87
C LEU A 4 -5.44 11.72 3.66
N GLN A 5 -4.41 11.17 2.99
CA GLN A 5 -3.97 11.60 1.68
C GLN A 5 -4.11 10.46 0.70
N VAL A 6 -4.45 10.80 -0.55
CA VAL A 6 -4.50 9.84 -1.63
C VAL A 6 -3.27 10.08 -2.51
N ILE A 7 -2.43 9.04 -2.63
CA ILE A 7 -1.14 9.15 -3.31
C ILE A 7 -1.17 8.40 -4.65
N GLN A 8 -1.05 9.17 -5.73
CA GLN A 8 -0.84 8.64 -7.08
C GLN A 8 0.58 9.01 -7.46
N PRO A 9 1.49 8.06 -7.32
CA PRO A 9 2.89 8.41 -7.49
C PRO A 9 3.32 8.69 -8.93
N ASP A 10 2.57 8.22 -9.92
CA ASP A 10 2.91 8.50 -11.32
C ASP A 10 2.11 9.66 -11.89
N LYS A 11 2.80 10.72 -12.34
CA LYS A 11 2.10 11.76 -13.08
CA LYS A 11 2.13 11.78 -13.08
C LYS A 11 1.61 11.21 -14.40
N SER A 12 2.39 10.28 -14.97
CA SER A 12 2.20 9.78 -16.33
C SER A 12 2.61 8.35 -16.44
N VAL A 13 1.87 7.63 -17.25
CA VAL A 13 2.21 6.28 -17.64
C VAL A 13 2.03 6.13 -19.15
N SER A 14 3.02 5.51 -19.78
CA SER A 14 3.01 5.25 -21.23
C SER A 14 3.05 3.76 -21.47
N VAL A 15 2.03 3.25 -22.15
CA VAL A 15 2.04 1.82 -22.51
C VAL A 15 1.85 1.66 -24.02
N ALA A 16 2.35 0.55 -24.58
CA ALA A 16 2.09 0.17 -25.95
C ALA A 16 0.67 -0.34 -26.11
N ALA A 17 0.07 -0.04 -27.26
CA ALA A 17 -1.26 -0.52 -27.59
C ALA A 17 -1.31 -2.03 -27.35
N GLY A 18 -2.35 -2.46 -26.63
CA GLY A 18 -2.60 -3.90 -26.38
C GLY A 18 -1.99 -4.45 -25.12
N GLU A 19 -1.11 -3.67 -24.49
CA GLU A 19 -0.45 -4.02 -23.22
CA GLU A 19 -0.52 -4.14 -23.25
C GLU A 19 -1.37 -3.68 -22.07
N SER A 20 -1.05 -4.18 -20.88
CA SER A 20 -1.79 -3.80 -19.69
C SER A 20 -1.13 -2.54 -19.12
N ALA A 21 -1.89 -1.78 -18.36
CA ALA A 21 -1.44 -0.50 -17.75
C ALA A 21 -1.75 -0.50 -16.24
N ILE A 22 -0.73 -0.26 -15.40
CA ILE A 22 -0.96 -0.25 -13.95
C ILE A 22 -1.01 1.20 -13.49
N LEU A 23 -2.13 1.53 -12.84
CA LEU A 23 -2.39 2.90 -12.33
C LEU A 23 -2.28 2.76 -10.81
N HIS A 24 -1.26 3.41 -10.23
CA HIS A 24 -1.00 3.24 -8.79
C HIS A 24 -1.79 4.25 -7.93
N CYS A 25 -2.30 3.79 -6.79
CA CYS A 25 -2.92 4.63 -5.80
C CYS A 25 -2.70 3.99 -4.43
N THR A 26 -2.21 4.76 -3.48
CA THR A 26 -2.25 4.29 -2.09
C THR A 26 -2.92 5.35 -1.25
N VAL A 27 -3.36 4.95 -0.06
CA VAL A 27 -3.88 5.91 0.90
C VAL A 27 -2.97 5.93 2.14
N THR A 28 -2.90 7.09 2.82
CA THR A 28 -2.08 7.21 4.03
C THR A 28 -2.85 6.95 5.34
N SER A 29 -4.12 6.56 5.23
CA SER A 29 -4.92 6.30 6.44
C SER A 29 -6.09 5.46 6.05
N LEU A 30 -6.57 4.69 7.02
CA LEU A 30 -7.83 3.95 6.87
C LEU A 30 -9.01 4.73 7.46
N ILE A 31 -8.80 6.01 7.82
CA ILE A 31 -9.85 6.83 8.43
C ILE A 31 -10.07 8.03 7.56
N PRO A 32 -11.33 8.36 7.23
CA PRO A 32 -12.56 7.68 7.53
C PRO A 32 -12.73 6.40 6.68
N VAL A 33 -13.57 5.49 7.16
CA VAL A 33 -13.97 4.34 6.37
C VAL A 33 -14.77 4.84 5.17
N GLY A 34 -14.54 4.18 4.03
CA GLY A 34 -15.30 4.39 2.82
C GLY A 34 -14.56 4.01 1.58
N PRO A 35 -15.29 3.82 0.47
CA PRO A 35 -14.76 3.29 -0.78
C PRO A 35 -13.80 4.19 -1.54
N ILE A 36 -12.86 3.51 -2.18
CA ILE A 36 -11.98 4.10 -3.13
C ILE A 36 -12.45 3.72 -4.52
N GLN A 37 -12.59 4.73 -5.36
CA GLN A 37 -13.08 4.50 -6.73
C GLN A 37 -12.09 5.10 -7.70
N TRP A 38 -11.96 4.51 -8.87
CA TRP A 38 -11.12 5.06 -9.93
C TRP A 38 -12.03 5.60 -11.04
N PHE A 39 -11.72 6.81 -11.51
CA PHE A 39 -12.36 7.42 -12.67
C PHE A 39 -11.38 7.80 -13.77
N ARG A 40 -11.85 7.76 -15.01
CA ARG A 40 -11.13 8.40 -16.13
C ARG A 40 -11.80 9.73 -16.43
N GLY A 41 -11.05 10.82 -16.23
CA GLY A 41 -11.62 12.16 -16.32
C GLY A 41 -11.88 12.79 -14.99
N ALA A 42 -11.83 14.12 -14.96
CA ALA A 42 -12.13 14.87 -13.76
C ALA A 42 -13.55 15.43 -13.82
N GLY A 43 -14.22 15.28 -14.97
CA GLY A 43 -15.42 16.04 -15.29
C GLY A 43 -16.74 15.37 -14.98
N PRO A 44 -17.85 16.08 -15.28
CA PRO A 44 -19.16 15.45 -15.00
C PRO A 44 -19.45 14.20 -15.85
N ALA A 45 -18.77 14.08 -16.99
CA ALA A 45 -18.91 12.89 -17.84
C ALA A 45 -17.74 11.92 -17.70
N ARG A 46 -17.05 11.95 -16.56
CA ARG A 46 -16.00 11.00 -16.29
C ARG A 46 -16.60 9.59 -16.25
N GLU A 47 -15.77 8.60 -16.55
CA GLU A 47 -16.17 7.20 -16.57
C GLU A 47 -15.63 6.51 -15.32
N LEU A 48 -16.53 5.80 -14.64
CA LEU A 48 -16.16 4.95 -13.52
C LEU A 48 -15.41 3.74 -14.09
N ILE A 49 -14.17 3.63 -13.68
CA ILE A 49 -13.22 2.60 -14.12
C ILE A 49 -13.16 1.45 -13.12
N TYR A 50 -13.28 1.75 -11.82
CA TYR A 50 -13.28 0.65 -10.83
C TYR A 50 -13.83 1.06 -9.48
N ASN A 51 -14.56 0.13 -8.88
CA ASN A 51 -15.14 0.25 -7.55
C ASN A 51 -15.18 -1.21 -7.07
N GLN A 52 -14.58 -1.46 -5.93
CA GLN A 52 -14.38 -2.84 -5.51
C GLN A 52 -15.64 -3.35 -4.82
N LYS A 53 -16.35 -2.44 -4.16
CA LYS A 53 -17.58 -2.78 -3.43
C LYS A 53 -18.77 -3.14 -4.33
N GLU A 54 -18.93 -2.48 -5.47
CA GLU A 54 -20.02 -2.84 -6.40
C GLU A 54 -19.77 -2.51 -7.89
N GLY A 55 -20.37 -3.36 -8.74
CA GLY A 55 -20.26 -3.24 -10.19
C GLY A 55 -19.32 -4.25 -10.82
N HIS A 56 -19.37 -4.32 -12.15
CA HIS A 56 -18.56 -5.28 -12.92
CA HIS A 56 -18.60 -5.27 -12.94
C HIS A 56 -17.54 -4.55 -13.78
N PHE A 57 -16.28 -4.92 -13.62
CA PHE A 57 -15.16 -4.27 -14.33
C PHE A 57 -14.19 -5.35 -14.85
N PRO A 58 -14.60 -6.06 -15.91
CA PRO A 58 -13.83 -7.20 -16.39
C PRO A 58 -12.42 -6.89 -16.87
N ARG A 59 -12.10 -5.63 -17.15
CA ARG A 59 -10.77 -5.27 -17.59
C ARG A 59 -9.79 -4.97 -16.49
N VAL A 60 -10.30 -4.81 -15.27
CA VAL A 60 -9.53 -4.36 -14.12
C VAL A 60 -9.14 -5.54 -13.22
N THR A 61 -7.89 -5.51 -12.76
CA THR A 61 -7.35 -6.49 -11.77
C THR A 61 -6.65 -5.66 -10.71
N THR A 62 -7.00 -5.86 -9.44
CA THR A 62 -6.42 -5.08 -8.38
C THR A 62 -5.01 -5.66 -8.10
N VAL A 63 -4.09 -4.76 -7.76
CA VAL A 63 -2.77 -5.16 -7.25
C VAL A 63 -2.90 -5.88 -5.87
N SER A 64 -3.84 -5.44 -5.05
CA SER A 64 -3.86 -5.89 -3.65
C SER A 64 -4.36 -7.31 -3.55
N GLU A 65 -5.08 -7.74 -4.58
CA GLU A 65 -5.60 -9.11 -4.63
C GLU A 65 -6.60 -9.53 -3.53
N SER A 66 -7.13 -8.57 -2.80
CA SER A 66 -8.12 -8.85 -1.78
C SER A 66 -8.99 -7.63 -1.51
N THR A 67 -10.08 -7.88 -0.76
CA THR A 67 -10.95 -6.78 -0.28
C THR A 67 -10.85 -6.59 1.23
N LYS A 68 -9.70 -6.95 1.79
CA LYS A 68 -9.47 -6.77 3.22
C LYS A 68 -9.59 -5.31 3.62
N ARG A 69 -10.25 -5.06 4.76
CA ARG A 69 -10.53 -3.67 5.15
C ARG A 69 -9.25 -2.92 5.49
N GLU A 70 -8.17 -3.66 5.80
CA GLU A 70 -6.89 -3.05 6.16
C GLU A 70 -5.93 -2.67 4.97
N ASN A 71 -6.30 -3.06 3.75
CA ASN A 71 -5.53 -2.74 2.55
C ASN A 71 -5.26 -1.22 2.41
N MET A 72 -4.04 -0.86 2.05
CA MET A 72 -3.74 0.59 1.81
C MET A 72 -3.28 0.84 0.34
N ASP A 73 -3.20 -0.20 -0.46
CA ASP A 73 -2.84 -0.08 -1.90
C ASP A 73 -4.11 -0.33 -2.73
N PHE A 74 -4.53 0.65 -3.50
CA PHE A 74 -5.73 0.58 -4.33
C PHE A 74 -5.35 0.65 -5.82
N SER A 75 -4.13 0.27 -6.11
CA SER A 75 -3.61 0.31 -7.49
C SER A 75 -4.30 -0.73 -8.32
N ILE A 76 -4.52 -0.43 -9.60
CA ILE A 76 -5.16 -1.40 -10.49
C ILE A 76 -4.38 -1.55 -11.77
N SER A 77 -4.58 -2.66 -12.45
CA SER A 77 -4.08 -2.92 -13.80
C SER A 77 -5.29 -3.07 -14.72
N ILE A 78 -5.20 -2.47 -15.88
CA ILE A 78 -6.26 -2.51 -16.88
C ILE A 78 -5.67 -3.19 -18.12
N SER A 79 -6.39 -4.18 -18.63
CA SER A 79 -5.88 -5.02 -19.70
C SER A 79 -6.19 -4.45 -21.06
N ASN A 80 -5.38 -4.84 -22.05
CA ASN A 80 -5.61 -4.57 -23.45
C ASN A 80 -5.91 -3.11 -23.80
N ILE A 81 -4.96 -2.25 -23.42
CA ILE A 81 -5.10 -0.81 -23.57
C ILE A 81 -5.10 -0.39 -25.05
N THR A 82 -6.03 0.53 -25.39
CA THR A 82 -6.12 1.12 -26.73
C THR A 82 -6.12 2.64 -26.53
N PRO A 83 -5.96 3.42 -27.61
CA PRO A 83 -6.05 4.88 -27.48
C PRO A 83 -7.35 5.38 -26.84
N ALA A 84 -8.44 4.65 -26.97
CA ALA A 84 -9.70 4.98 -26.29
C ALA A 84 -9.54 5.11 -24.76
N ASP A 85 -8.55 4.42 -24.22
CA ASP A 85 -8.24 4.43 -22.80
C ASP A 85 -7.37 5.59 -22.34
N ALA A 86 -6.79 6.33 -23.26
CA ALA A 86 -5.93 7.48 -22.86
C ALA A 86 -6.79 8.50 -22.20
N GLY A 87 -6.22 9.13 -21.18
CA GLY A 87 -6.99 9.92 -20.26
C GLY A 87 -6.23 10.02 -18.96
N THR A 88 -6.72 10.88 -18.10
CA THR A 88 -6.18 11.11 -16.80
C THR A 88 -7.10 10.36 -15.84
N TYR A 89 -6.50 9.44 -15.09
CA TYR A 89 -7.18 8.58 -14.19
C TYR A 89 -7.00 9.06 -12.76
N TYR A 90 -8.10 9.13 -12.02
CA TYR A 90 -8.12 9.66 -10.67
C TYR A 90 -8.57 8.57 -9.72
N CYS A 91 -7.83 8.45 -8.62
CA CYS A 91 -8.14 7.60 -7.49
C CYS A 91 -8.81 8.51 -6.44
N VAL A 92 -10.04 8.15 -6.07
CA VAL A 92 -10.89 8.99 -5.24
C VAL A 92 -11.34 8.27 -3.98
N LYS A 93 -11.07 8.91 -2.84
CA LYS A 93 -11.52 8.44 -1.54
C LYS A 93 -12.89 8.98 -1.21
N PHE A 94 -13.82 8.07 -0.97
CA PHE A 94 -15.13 8.41 -0.40
C PHE A 94 -15.20 8.16 1.12
N ARG A 95 -15.97 9.02 1.79
CA ARG A 95 -16.40 8.81 3.16
C ARG A 95 -17.76 8.13 3.13
N LYS A 96 -17.88 6.99 3.79
CA LYS A 96 -19.20 6.35 3.89
C LYS A 96 -20.21 7.25 4.61
N GLY A 97 -21.41 7.33 4.07
CA GLY A 97 -22.49 8.07 4.69
C GLY A 97 -23.77 7.84 3.92
N SER A 98 -24.77 8.65 4.20
CA SER A 98 -26.04 8.57 3.49
C SER A 98 -26.30 9.89 2.73
N PRO A 99 -25.81 9.98 1.49
CA PRO A 99 -24.98 9.04 0.71
C PRO A 99 -23.51 9.19 1.04
N ASP A 100 -22.69 8.31 0.47
CA ASP A 100 -21.22 8.44 0.53
C ASP A 100 -20.85 9.75 -0.13
N THR A 101 -19.82 10.41 0.37
CA THR A 101 -19.37 11.68 -0.18
C THR A 101 -17.87 11.62 -0.47
N GLU A 102 -17.43 12.44 -1.42
CA GLU A 102 -16.04 12.48 -1.81
C GLU A 102 -15.22 13.23 -0.80
N PHE A 103 -14.18 12.57 -0.34
CA PHE A 103 -13.39 13.04 0.80
C PHE A 103 -12.11 13.65 0.25
N LYS A 104 -11.44 12.86 -0.56
CA LYS A 104 -10.20 13.27 -1.26
C LYS A 104 -10.08 12.60 -2.65
N SER A 105 -9.63 13.40 -3.61
CA SER A 105 -9.18 12.91 -4.89
C SER A 105 -7.67 13.00 -4.98
N GLY A 106 -7.08 11.92 -5.48
CA GLY A 106 -5.67 11.93 -5.93
C GLY A 106 -5.41 12.95 -7.03
N ALA A 107 -4.14 13.10 -7.37
CA ALA A 107 -3.73 14.16 -8.29
C ALA A 107 -3.89 13.79 -9.77
N GLY A 108 -4.21 12.55 -10.08
CA GLY A 108 -4.34 12.15 -11.48
C GLY A 108 -3.07 11.53 -12.03
N THR A 109 -3.26 10.49 -12.83
CA THR A 109 -2.18 9.87 -13.59
C THR A 109 -2.64 9.88 -15.06
N GLU A 110 -1.85 10.51 -15.92
CA GLU A 110 -2.17 10.59 -17.35
C GLU A 110 -1.64 9.38 -18.11
N LEU A 111 -2.56 8.56 -18.61
CA LEU A 111 -2.25 7.41 -19.44
C LEU A 111 -2.15 7.77 -20.92
N SER A 112 -0.97 7.55 -21.50
CA SER A 112 -0.80 7.72 -22.95
C SER A 112 -0.57 6.33 -23.55
N VAL A 113 -0.95 6.19 -24.83
CA VAL A 113 -0.94 4.88 -25.50
C VAL A 113 -0.18 4.93 -26.83
N ARG A 114 0.88 4.16 -26.92
CA ARG A 114 1.78 4.23 -28.06
C ARG A 114 1.30 3.33 -29.19
N ALA A 115 1.03 3.93 -30.35
CA ALA A 115 0.69 3.21 -31.57
C ALA A 115 1.87 2.36 -32.05
N LYS A 116 1.58 1.16 -32.52
CA LYS A 116 2.60 0.29 -33.10
C LYS A 116 3.18 0.87 -34.38
N PRO A 117 4.51 1.13 -34.40
CA PRO A 117 5.11 1.60 -35.65
C PRO A 117 4.71 0.78 -36.87
N SER A 118 4.43 1.43 -37.99
CA SER A 118 4.18 0.70 -39.23
C SER A 118 5.39 -0.12 -39.66
N THR A 119 5.16 -1.07 -40.54
CA THR A 119 6.20 -1.94 -41.07
C THR A 119 6.62 -1.40 -42.44
N ARG A 120 7.75 -1.81 -43.02
CA ARG A 120 8.76 -2.71 -42.43
C ARG A 120 10.12 -2.04 -42.04
N HIS A 121 10.82 -1.38 -42.97
CA HIS A 121 10.31 -0.92 -44.27
C HIS A 121 11.34 -1.04 -45.39
N GLU B 2 9.28 13.20 -5.82
CA GLU B 2 9.21 11.87 -6.50
C GLU B 2 10.13 10.82 -5.89
N GLU B 3 11.20 11.24 -5.23
CA GLU B 3 12.03 10.29 -4.50
C GLU B 3 11.16 9.50 -3.54
N LEU B 4 11.44 8.20 -3.42
CA LEU B 4 10.67 7.28 -2.60
C LEU B 4 10.56 7.81 -1.18
N GLN B 5 9.34 7.78 -0.66
CA GLN B 5 9.10 7.98 0.77
C GLN B 5 8.56 6.68 1.41
N VAL B 6 8.94 6.44 2.67
CA VAL B 6 8.40 5.35 3.46
C VAL B 6 7.43 5.94 4.50
N ILE B 7 6.16 5.55 4.38
CA ILE B 7 5.07 6.13 5.12
C ILE B 7 4.58 5.12 6.14
N GLN B 8 4.76 5.44 7.41
CA GLN B 8 4.21 4.67 8.50
C GLN B 8 3.14 5.55 9.09
N PRO B 9 1.85 5.26 8.75
CA PRO B 9 0.81 6.18 9.18
C PRO B 9 0.54 6.29 10.68
N ASP B 10 0.90 5.28 11.46
CA ASP B 10 0.55 5.24 12.86
C ASP B 10 1.77 5.55 13.67
N LYS B 11 1.71 6.62 14.47
CA LYS B 11 2.75 6.88 15.47
CA LYS B 11 2.74 6.87 15.49
C LYS B 11 2.72 5.73 16.51
N SER B 12 1.54 5.30 16.89
CA SER B 12 1.38 4.27 17.95
C SER B 12 0.28 3.24 17.68
N VAL B 13 0.49 1.99 18.11
CA VAL B 13 -0.55 0.98 18.06
C VAL B 13 -0.63 0.33 19.45
N SER B 14 -1.84 0.12 19.96
CA SER B 14 -2.04 -0.61 21.24
C SER B 14 -2.75 -1.91 20.95
N VAL B 15 -2.18 -3.01 21.42
CA VAL B 15 -2.72 -4.32 21.25
C VAL B 15 -2.87 -5.03 22.61
N ALA B 16 -3.92 -5.86 22.73
CA ALA B 16 -4.13 -6.69 23.92
C ALA B 16 -3.15 -7.85 23.85
N ALA B 17 -2.64 -8.27 25.01
CA ALA B 17 -1.68 -9.34 25.09
C ALA B 17 -2.34 -10.55 24.44
N GLY B 18 -1.58 -11.22 23.57
CA GLY B 18 -2.03 -12.44 22.88
C GLY B 18 -2.71 -12.25 21.53
N GLU B 19 -3.06 -11.03 21.20
CA GLU B 19 -3.69 -10.72 19.92
CA GLU B 19 -3.70 -10.68 19.93
C GLU B 19 -2.64 -10.27 18.90
N SER B 20 -3.08 -9.98 17.66
CA SER B 20 -2.16 -9.63 16.57
C SER B 20 -2.08 -8.12 16.44
N ALA B 21 -0.90 -7.61 16.07
CA ALA B 21 -0.65 -6.17 15.92
C ALA B 21 -0.46 -5.96 14.42
N ILE B 22 -1.22 -5.02 13.85
CA ILE B 22 -0.94 -4.51 12.47
C ILE B 22 -0.12 -3.25 12.46
N LEU B 23 1.04 -3.30 11.79
CA LEU B 23 1.98 -2.24 11.71
C LEU B 23 2.01 -1.82 10.25
N HIS B 24 1.50 -0.63 9.96
CA HIS B 24 1.31 -0.23 8.56
C HIS B 24 2.54 0.45 7.97
N CYS B 25 2.78 0.15 6.68
CA CYS B 25 3.84 0.77 5.95
C CYS B 25 3.52 0.76 4.47
N THR B 26 3.63 1.93 3.87
CA THR B 26 3.58 1.98 2.39
C THR B 26 4.80 2.69 1.85
N VAL B 27 5.11 2.40 0.59
CA VAL B 27 6.12 3.15 -0.13
C VAL B 27 5.41 3.99 -1.24
N THR B 28 6.02 5.13 -1.58
CA THR B 28 5.50 6.00 -2.64
C THR B 28 6.13 5.76 -4.02
N SER B 29 7.08 4.83 -4.11
CA SER B 29 7.72 4.51 -5.39
C SER B 29 8.17 3.05 -5.40
N LEU B 30 8.27 2.49 -6.60
CA LEU B 30 8.90 1.22 -6.81
C LEU B 30 10.38 1.37 -7.19
N ILE B 31 10.88 2.60 -7.17
CA ILE B 31 12.25 2.93 -7.60
C ILE B 31 12.92 3.54 -6.41
N PRO B 32 14.12 3.07 -6.05
CA PRO B 32 14.87 2.02 -6.70
C PRO B 32 14.34 0.65 -6.33
N VAL B 33 14.68 -0.33 -7.13
CA VAL B 33 14.39 -1.72 -6.76
C VAL B 33 15.20 -2.12 -5.51
N GLY B 34 14.53 -2.84 -4.61
CA GLY B 34 15.14 -3.37 -3.40
C GLY B 34 14.14 -3.78 -2.35
N PRO B 35 14.57 -4.60 -1.39
CA PRO B 35 13.68 -5.18 -0.37
C PRO B 35 13.24 -4.21 0.69
N ILE B 36 12.03 -4.44 1.19
CA ILE B 36 11.58 -3.81 2.41
C ILE B 36 11.85 -4.74 3.57
N GLN B 37 12.38 -4.17 4.63
CA GLN B 37 12.58 -4.89 5.88
C GLN B 37 11.96 -4.15 7.03
N TRP B 38 11.53 -4.92 8.03
CA TRP B 38 11.04 -4.37 9.27
C TRP B 38 12.00 -4.72 10.43
N PHE B 39 12.24 -3.74 11.29
CA PHE B 39 13.02 -3.92 12.55
C PHE B 39 12.25 -3.41 13.78
N ARG B 40 12.54 -4.00 14.93
CA ARG B 40 12.12 -3.52 16.25
C ARG B 40 13.34 -2.84 16.86
N GLY B 41 13.31 -1.52 17.03
CA GLY B 41 14.45 -0.80 17.48
C GLY B 41 15.13 -0.07 16.35
N ALA B 42 15.75 1.05 16.73
CA ALA B 42 16.48 1.92 15.81
C ALA B 42 18.03 1.68 15.86
N GLY B 43 18.52 1.01 16.91
CA GLY B 43 19.92 0.91 17.19
C GLY B 43 20.65 -0.34 16.74
N PRO B 44 21.91 -0.52 17.21
CA PRO B 44 22.70 -1.61 16.66
C PRO B 44 22.20 -3.00 17.09
N ALA B 45 21.44 -3.07 18.18
CA ALA B 45 20.92 -4.37 18.61
C ALA B 45 19.46 -4.53 18.20
N ARG B 46 18.99 -3.73 17.24
CA ARG B 46 17.63 -3.85 16.72
C ARG B 46 17.40 -5.28 16.20
N GLU B 47 16.16 -5.75 16.29
CA GLU B 47 15.81 -7.10 15.81
C GLU B 47 15.15 -7.04 14.46
N LEU B 48 15.70 -7.81 13.51
CA LEU B 48 15.06 -8.04 12.23
C LEU B 48 13.77 -8.82 12.45
N ILE B 49 12.68 -8.18 12.05
CA ILE B 49 11.28 -8.64 12.25
C ILE B 49 10.69 -9.25 11.00
N TYR B 50 11.05 -8.69 9.85
CA TYR B 50 10.53 -9.22 8.60
C TYR B 50 11.44 -8.81 7.45
N ASN B 51 11.65 -9.72 6.52
CA ASN B 51 12.61 -9.43 5.43
C ASN B 51 11.97 -9.97 4.23
N GLN B 52 11.77 -9.08 3.26
CA GLN B 52 11.12 -9.44 2.02
C GLN B 52 11.93 -10.52 1.30
N LYS B 53 13.24 -10.31 1.22
CA LYS B 53 14.11 -11.16 0.39
C LYS B 53 14.36 -12.60 0.92
N GLU B 54 14.45 -12.78 2.23
CA GLU B 54 15.00 -14.02 2.80
C GLU B 54 14.67 -14.17 4.28
N GLY B 55 14.63 -15.41 4.77
CA GLY B 55 14.42 -15.69 6.22
C GLY B 55 13.04 -16.26 6.58
N HIS B 56 12.94 -16.87 7.76
CA HIS B 56 11.66 -17.42 8.22
C HIS B 56 11.21 -16.55 9.40
N PHE B 57 10.05 -15.95 9.27
CA PHE B 57 9.50 -15.08 10.30
C PHE B 57 8.14 -15.67 10.61
N PRO B 58 8.14 -16.70 11.46
CA PRO B 58 6.89 -17.45 11.62
C PRO B 58 5.70 -16.65 12.19
N ARG B 59 5.97 -15.57 12.94
CA ARG B 59 4.94 -14.80 13.58
C ARG B 59 4.46 -13.63 12.73
N VAL B 60 5.03 -13.47 11.53
CA VAL B 60 4.80 -12.27 10.76
C VAL B 60 4.35 -12.59 9.35
N THR B 61 3.25 -11.96 8.92
CA THR B 61 2.75 -12.05 7.55
CA THR B 61 2.99 -11.96 7.48
CA THR B 61 2.98 -11.96 7.49
C THR B 61 2.45 -10.61 7.04
N THR B 62 2.39 -10.44 5.73
CA THR B 62 1.97 -9.16 5.19
C THR B 62 0.45 -9.06 5.34
N VAL B 63 -0.02 -7.86 5.64
CA VAL B 63 -1.47 -7.59 5.59
C VAL B 63 -1.97 -7.86 4.17
N SER B 64 -1.24 -7.34 3.19
CA SER B 64 -1.60 -7.52 1.79
C SER B 64 -1.44 -8.99 1.35
N GLU B 65 -2.43 -9.44 0.60
CA GLU B 65 -2.42 -10.75 -0.06
C GLU B 65 -1.71 -10.68 -1.43
N SER B 66 -1.20 -9.51 -1.79
CA SER B 66 -0.61 -9.32 -3.12
C SER B 66 0.62 -10.21 -3.29
N THR B 67 0.70 -10.86 -4.43
CA THR B 67 1.85 -11.66 -4.84
C THR B 67 2.51 -10.94 -6.01
N LYS B 68 2.15 -9.66 -6.20
CA LYS B 68 2.59 -8.92 -7.37
C LYS B 68 3.77 -8.03 -7.03
N ARG B 69 4.69 -7.93 -8.00
CA ARG B 69 5.94 -7.19 -7.77
CA ARG B 69 5.95 -7.18 -7.89
C ARG B 69 5.73 -5.68 -7.69
N GLU B 70 4.56 -5.22 -8.11
CA GLU B 70 4.19 -3.79 -8.10
C GLU B 70 3.45 -3.34 -6.81
N ASN B 71 3.31 -4.26 -5.86
CA ASN B 71 2.69 -3.95 -4.55
C ASN B 71 3.47 -2.82 -3.85
N MET B 72 2.72 -1.90 -3.24
CA MET B 72 3.26 -0.77 -2.50
C MET B 72 2.89 -0.74 -1.00
N ASP B 73 2.18 -1.78 -0.55
CA ASP B 73 1.74 -1.86 0.85
C ASP B 73 2.53 -2.95 1.54
N PHE B 74 3.45 -2.56 2.42
CA PHE B 74 4.32 -3.49 3.15
C PHE B 74 3.99 -3.54 4.65
N SER B 75 2.74 -3.26 4.97
CA SER B 75 2.17 -3.47 6.31
C SER B 75 2.29 -4.92 6.69
N ILE B 76 2.56 -5.15 7.97
CA ILE B 76 2.66 -6.51 8.49
C ILE B 76 1.73 -6.74 9.69
N SER B 77 1.29 -7.98 9.87
CA SER B 77 0.60 -8.44 11.05
C SER B 77 1.57 -9.38 11.79
N ILE B 78 1.76 -9.12 13.08
CA ILE B 78 2.55 -9.96 13.99
C ILE B 78 1.63 -10.60 15.00
N SER B 79 1.62 -11.93 15.08
CA SER B 79 0.70 -12.60 15.91
C SER B 79 1.21 -12.85 17.32
N ASN B 80 0.26 -13.04 18.24
CA ASN B 80 0.50 -13.57 19.57
C ASN B 80 1.41 -12.68 20.33
N ILE B 81 1.00 -11.43 20.35
CA ILE B 81 1.79 -10.37 20.94
C ILE B 81 1.95 -10.51 22.48
N THR B 82 3.17 -10.30 22.97
CA THR B 82 3.42 -10.23 24.41
C THR B 82 4.19 -8.95 24.68
N PRO B 83 4.30 -8.56 25.95
CA PRO B 83 5.07 -7.34 26.25
C PRO B 83 6.52 -7.34 25.70
N ALA B 84 7.10 -8.49 25.44
CA ALA B 84 8.44 -8.54 24.86
C ALA B 84 8.49 -7.97 23.47
N ASP B 85 7.34 -7.82 22.84
CA ASP B 85 7.25 -7.26 21.53
C ASP B 85 7.08 -5.75 21.55
N ALA B 86 6.87 -5.15 22.72
CA ALA B 86 6.70 -3.70 22.78
C ALA B 86 7.99 -2.98 22.36
N GLY B 87 7.80 -1.88 21.65
CA GLY B 87 8.92 -1.17 21.06
C GLY B 87 8.49 -0.47 19.81
N THR B 88 9.48 0.14 19.15
CA THR B 88 9.21 1.00 18.05
C THR B 88 9.71 0.23 16.82
N TYR B 89 8.81 0.13 15.85
CA TYR B 89 9.02 -0.70 14.69
C TYR B 89 9.18 0.19 13.47
N TYR B 90 10.26 -0.07 12.73
CA TYR B 90 10.63 0.69 11.57
C TYR B 90 10.53 -0.13 10.30
N CYS B 91 9.93 0.49 9.30
CA CYS B 91 9.82 -0.06 7.97
C CYS B 91 10.95 0.61 7.17
N VAL B 92 11.81 -0.23 6.54
CA VAL B 92 13.02 0.25 5.93
C VAL B 92 13.14 -0.24 4.48
N LYS B 93 13.27 0.72 3.59
CA LYS B 93 13.53 0.44 2.17
C LYS B 93 15.04 0.33 1.90
N PHE B 94 15.41 -0.82 1.35
CA PHE B 94 16.77 -1.07 0.86
C PHE B 94 16.84 -0.89 -0.64
N ARG B 95 18.00 -0.40 -1.09
CA ARG B 95 18.37 -0.37 -2.51
CA ARG B 95 18.36 -0.38 -2.51
C ARG B 95 19.16 -1.65 -2.82
N LYS B 96 18.74 -2.38 -3.85
CA LYS B 96 19.48 -3.56 -4.28
CA LYS B 96 19.49 -3.57 -4.29
C LYS B 96 20.90 -3.18 -4.75
N GLY B 97 21.90 -3.93 -4.27
CA GLY B 97 23.29 -3.61 -4.59
C GLY B 97 24.30 -4.67 -4.13
N SER B 98 25.58 -4.30 -4.16
CA SER B 98 26.66 -5.21 -3.79
C SER B 98 27.52 -4.58 -2.67
N PRO B 99 26.98 -4.57 -1.44
CA PRO B 99 25.69 -5.14 -1.01
C PRO B 99 24.48 -4.21 -1.09
N ASP B 100 23.31 -4.71 -0.70
CA ASP B 100 22.10 -3.90 -0.59
C ASP B 100 22.35 -2.88 0.47
N THR B 101 21.88 -1.66 0.24
CA THR B 101 22.02 -0.61 1.25
C THR B 101 20.68 0.00 1.66
N GLU B 102 20.67 0.65 2.82
CA GLU B 102 19.45 1.30 3.28
C GLU B 102 19.27 2.60 2.57
N PHE B 103 18.10 2.71 1.94
CA PHE B 103 17.74 3.87 1.13
C PHE B 103 16.93 4.86 1.95
N LYS B 104 15.91 4.35 2.65
CA LYS B 104 15.12 5.19 3.56
CA LYS B 104 15.01 5.18 3.47
C LYS B 104 14.40 4.39 4.62
N SER B 105 14.32 5.00 5.80
CA SER B 105 13.63 4.43 6.93
C SER B 105 12.33 5.21 7.16
N GLY B 106 11.25 4.49 7.38
CA GLY B 106 10.01 5.12 7.91
C GLY B 106 10.24 5.77 9.29
N ALA B 107 9.23 6.45 9.79
CA ALA B 107 9.36 7.24 11.03
C ALA B 107 9.22 6.41 12.32
N GLY B 108 8.78 5.16 12.18
CA GLY B 108 8.59 4.26 13.30
C GLY B 108 7.16 4.26 13.86
N THR B 109 6.71 3.10 14.29
CA THR B 109 5.45 2.99 14.99
C THR B 109 5.68 2.30 16.33
N GLU B 110 5.19 2.93 17.39
CA GLU B 110 5.41 2.42 18.73
C GLU B 110 4.29 1.47 19.11
N LEU B 111 4.65 0.20 19.28
CA LEU B 111 3.73 -0.81 19.71
C LEU B 111 3.69 -0.92 21.22
N SER B 112 2.48 -0.86 21.77
CA SER B 112 2.24 -1.00 23.23
C SER B 112 1.36 -2.19 23.43
N VAL B 113 1.56 -2.88 24.54
CA VAL B 113 0.87 -4.13 24.78
C VAL B 113 0.11 -4.07 26.12
N ARG B 114 -1.21 -4.21 26.04
CA ARG B 114 -2.10 -4.11 27.21
C ARG B 114 -2.12 -5.43 27.94
N ALA B 115 -1.68 -5.40 29.20
CA ALA B 115 -1.84 -6.55 30.06
C ALA B 115 -3.32 -6.83 30.40
N LYS B 116 -3.64 -8.10 30.59
CA LYS B 116 -5.00 -8.51 30.89
C LYS B 116 -5.39 -8.16 32.32
N PRO B 117 -6.46 -7.32 32.51
CA PRO B 117 -6.92 -7.14 33.89
C PRO B 117 -7.06 -8.41 34.70
N SER B 118 -6.57 -8.31 35.95
CA SER B 118 -6.82 -9.29 36.99
C SER B 118 -8.32 -9.55 37.10
N THR B 119 -8.68 -10.73 37.56
CA THR B 119 -10.06 -11.05 37.85
C THR B 119 -10.41 -10.91 39.32
N ARG B 120 -9.52 -10.25 40.11
CA ARG B 120 -9.61 -10.19 41.57
C ARG B 120 -9.42 -8.77 42.15
N HIS B 121 -10.38 -8.36 42.99
CA HIS B 121 -10.33 -7.11 43.77
C HIS B 121 -9.92 -7.39 45.22
N HIS B 122 -8.88 -8.22 45.41
CA HIS B 122 -8.37 -8.60 46.75
C HIS B 122 -6.98 -9.27 46.62
N HIS B 123 -6.31 -9.49 47.74
CA HIS B 123 -5.02 -10.20 47.73
C HIS B 123 -5.22 -11.72 47.55
O1 MES C . 6.72 4.00 -8.63
C2 MES C . 7.12 5.21 -9.28
C3 MES C . 7.41 4.95 -10.73
N4 MES C . 6.50 3.98 -11.36
C5 MES C . 5.66 3.06 -10.59
C6 MES C . 5.44 3.58 -9.17
C7 MES C . 6.61 3.86 -12.83
C8 MES C . 5.41 3.25 -13.55
S MES C . 5.77 3.14 -15.21
O1S MES C . 4.56 2.67 -15.87
O2S MES C . 6.25 4.45 -15.68
O3S MES C . 6.90 2.21 -15.44
S SO4 D . -11.22 -11.31 -0.44
O1 SO4 D . -10.87 -10.80 -1.76
O2 SO4 D . -10.58 -10.49 0.63
O3 SO4 D . -12.67 -11.26 -0.34
O4 SO4 D . -10.97 -12.76 -0.31
S SO4 E . -12.95 -7.86 5.62
O1 SO4 E . -13.96 -7.23 4.77
O2 SO4 E . -11.95 -6.88 6.04
O3 SO4 E . -13.61 -8.36 6.82
O4 SO4 E . -12.27 -8.94 4.91
S SO4 F . -11.51 -3.10 12.48
O1 SO4 F . -12.81 -2.85 11.81
O2 SO4 F . -11.32 -2.07 13.51
O3 SO4 F . -11.54 -4.45 13.07
O4 SO4 F . -10.38 -3.05 11.54
S SO4 G . 6.23 10.88 -13.32
O1 SO4 G . 5.42 10.37 -14.43
O2 SO4 G . 6.77 12.23 -13.65
O3 SO4 G . 5.48 10.91 -12.07
O4 SO4 G . 7.39 10.02 -13.11
S SO4 H . -10.39 -6.10 -23.02
O1 SO4 H . -11.10 -5.03 -23.73
O2 SO4 H . -9.47 -5.52 -22.05
O3 SO4 H . -11.39 -6.94 -22.34
O4 SO4 H . -9.65 -6.90 -23.99
O1 MES I . -4.65 4.48 9.21
C2 MES I . -3.97 3.24 9.51
C3 MES I . -4.61 2.55 10.70
N4 MES I . -4.90 3.46 11.79
C5 MES I . -5.19 4.88 11.51
C6 MES I . -4.47 5.41 10.28
C7 MES I . -5.13 2.99 13.18
C8 MES I . -4.39 1.73 13.68
S MES I . -5.01 1.26 15.20
O1S MES I . -4.79 2.42 16.10
O2S MES I . -6.45 0.94 15.12
O3S MES I . -4.21 0.10 15.64
S SO4 J . -1.39 7.98 15.91
O1 SO4 J . -2.84 7.82 15.72
O2 SO4 J . -1.16 9.19 16.75
O3 SO4 J . -0.91 6.77 16.58
O4 SO4 J . -0.77 8.15 14.59
#